data_5NAJ
#
_entry.id   5NAJ
#
_cell.length_a   77.954
_cell.length_b   80.766
_cell.length_c   73.630
_cell.angle_alpha   90.00
_cell.angle_beta   90.00
_cell.angle_gamma   90.00
#
_symmetry.space_group_name_H-M   'P 21 21 2'
#
loop_
_entity.id
_entity.type
_entity.pdbx_description
1 polymer 'Protein enabled homolog'
2 non-polymer '(3~{S},7~{R},10~{R},13~{S})-4-[[(3~{S},7~{R},10~{R},13~{S})-4-[(2~{S})-2-acetamido-3-(2-chlorophenyl)propanoyl]-2-oxidanylidene-1,4-diazatricyclo[8.3.0.0^{3,7}]tridec-8-en-13-yl]carbonyl]-2-oxidanylidene-1,4-diazatricyclo[8.3.0.0^{3,7}]tridec-8-ene-13-carboxylic acid'
3 non-polymer 'SULFATE ION'
4 non-polymer '(3~{S},7~{R},10~{R},13~{S})-4-[[(3~{R},7~{S},10~{S},13~{R})-4-[(2~{S})-2-acetamido-3-(2-chlorophenyl)propanoyl]-2-oxidanylidene-1,4-diazatricyclo[8.3.0.0^{3,7}]tridec-8-en-13-yl]carbonyl]-2-oxidanylidene-1,4-diazatricyclo[8.3.0.0^{3,7}]tridec-8-ene-13-carboxylic acid'
5 non-polymer 'CHLORIDE ION'
6 water water
#
_entity_poly.entity_id   1
_entity_poly.type   'polypeptide(L)'
_entity_poly.pdbx_seq_one_letter_code
;GSMSEQSICQARAAVMVYDDANKKWVPAGGSTGFSRVHIYHHTGNNTFRVVGRKIQDHQVVINCAIPKGLKYNQATQTFH
QWRDARQVYGLNFGSKEDANVFASAMMHALEVL
;
_entity_poly.pdbx_strand_id   A,B,C,D
#
# COMPACT_ATOMS: atom_id res chain seq x y z
N SER A 4 23.85 2.82 26.84
CA SER A 4 22.43 3.07 27.04
C SER A 4 21.70 3.04 25.70
N GLU A 5 22.45 2.89 24.62
CA GLU A 5 21.87 2.78 23.30
C GLU A 5 21.36 1.36 23.09
N GLN A 6 20.16 1.23 22.52
CA GLN A 6 19.61 -0.07 22.17
C GLN A 6 19.09 -0.04 20.75
N SER A 7 19.44 -1.07 19.99
CA SER A 7 18.99 -1.18 18.62
C SER A 7 17.50 -1.49 18.57
N ILE A 8 16.78 -0.80 17.67
CA ILE A 8 15.37 -1.10 17.44
C ILE A 8 15.10 -1.78 16.10
N CYS A 9 16.09 -1.88 15.21
CA CYS A 9 15.91 -2.59 13.93
C CYS A 9 17.27 -2.82 13.31
N GLN A 10 17.30 -3.65 12.28
CA GLN A 10 18.49 -3.74 11.43
C GLN A 10 18.05 -4.12 10.03
N ALA A 11 18.69 -3.48 9.04
CA ALA A 11 18.40 -3.72 7.63
C ALA A 11 19.71 -3.74 6.85
N ARG A 12 19.75 -4.55 5.81
CA ARG A 12 20.92 -4.63 4.94
C ARG A 12 20.75 -3.64 3.82
N ALA A 13 21.71 -2.73 3.67
CA ALA A 13 21.60 -1.69 2.67
C ALA A 13 22.98 -1.19 2.31
N ALA A 14 23.12 -0.74 1.08
CA ALA A 14 24.28 0.04 0.68
C ALA A 14 24.04 1.49 1.06
N VAL A 15 24.90 2.00 1.93
CA VAL A 15 24.78 3.37 2.42
C VAL A 15 25.51 4.29 1.48
N MET A 16 24.87 5.39 1.10
CA MET A 16 25.42 6.31 0.12
C MET A 16 25.23 7.72 0.61
N VAL A 17 26.06 8.64 0.09
CA VAL A 17 25.88 10.07 0.31
C VAL A 17 25.91 10.74 -1.05
N TYR A 18 25.19 11.84 -1.18
CA TYR A 18 25.18 12.58 -2.43
C TYR A 18 26.34 13.56 -2.41
N ASP A 19 27.19 13.48 -3.43
CA ASP A 19 28.35 14.36 -3.58
C ASP A 19 27.85 15.58 -4.34
N ASP A 20 27.64 16.69 -3.64
CA ASP A 20 27.07 17.88 -4.26
C ASP A 20 28.01 18.46 -5.31
N ALA A 21 29.31 18.44 -5.03
CA ALA A 21 30.26 19.07 -5.94
C ALA A 21 30.28 18.37 -7.29
N ASN A 22 30.20 17.04 -7.29
CA ASN A 22 30.29 16.25 -8.51
C ASN A 22 28.95 15.72 -8.98
N LYS A 23 27.87 16.10 -8.30
CA LYS A 23 26.51 15.78 -8.70
C LYS A 23 26.33 14.28 -8.94
N LYS A 24 26.68 13.48 -7.93
CA LYS A 24 26.51 12.04 -8.03
C LYS A 24 26.46 11.40 -6.64
N TRP A 25 25.76 10.28 -6.55
CA TRP A 25 25.81 9.44 -5.37
C TRP A 25 27.13 8.71 -5.29
N VAL A 26 27.67 8.60 -4.07
CA VAL A 26 28.92 7.89 -3.81
C VAL A 26 28.74 7.02 -2.57
N PRO A 27 29.56 5.98 -2.42
CA PRO A 27 29.45 5.13 -1.23
C PRO A 27 29.85 5.89 0.03
N ALA A 28 29.04 5.73 1.08
CA ALA A 28 29.36 6.39 2.33
C ALA A 28 30.66 5.82 2.87
N GLY A 29 31.51 6.72 3.38
CA GLY A 29 32.80 6.34 3.88
C GLY A 29 33.77 5.89 2.81
N GLY A 30 33.43 6.10 1.54
CA GLY A 30 34.28 5.63 0.46
C GLY A 30 34.31 4.13 0.33
N SER A 31 33.38 3.43 1.00
CA SER A 31 33.46 1.99 1.21
C SER A 31 32.26 1.33 0.54
N THR A 32 32.48 0.81 -0.67
CA THR A 32 31.44 0.13 -1.41
C THR A 32 31.08 -1.21 -0.75
N GLY A 33 29.81 -1.57 -0.88
CA GLY A 33 29.29 -2.79 -0.31
C GLY A 33 28.16 -2.52 0.65
N PHE A 34 27.63 -3.62 1.19
CA PHE A 34 26.48 -3.57 2.07
C PHE A 34 26.90 -3.36 3.52
N SER A 35 26.03 -2.66 4.23
CA SER A 35 26.13 -2.45 5.66
C SER A 35 24.90 -3.02 6.35
N ARG A 36 25.07 -3.27 7.65
CA ARG A 36 23.96 -3.52 8.54
C ARG A 36 23.63 -2.18 9.19
N VAL A 37 22.41 -1.70 8.95
CA VAL A 37 22.00 -0.36 9.35
C VAL A 37 20.94 -0.49 10.44
N HIS A 38 21.20 0.15 11.58
CA HIS A 38 20.32 0.13 12.72
C HIS A 38 19.79 1.54 12.97
N ILE A 39 18.66 1.61 13.68
CA ILE A 39 18.30 2.79 14.45
C ILE A 39 18.51 2.44 15.91
N TYR A 40 19.24 3.29 16.62
CA TYR A 40 19.50 3.11 18.04
C TYR A 40 18.67 4.12 18.82
N HIS A 41 18.06 3.65 19.91
CA HIS A 41 17.28 4.49 20.81
C HIS A 41 18.07 4.67 22.09
N HIS A 42 18.37 5.91 22.44
CA HIS A 42 18.99 6.24 23.72
C HIS A 42 17.85 6.62 24.67
N THR A 43 17.57 5.74 25.63
CA THR A 43 16.37 5.96 26.43
C THR A 43 16.58 7.13 27.38
N GLY A 44 17.82 7.37 27.79
CA GLY A 44 18.11 8.43 28.75
C GLY A 44 17.56 9.77 28.33
N ASN A 45 17.71 10.12 27.04
CA ASN A 45 17.25 11.42 26.54
C ASN A 45 16.24 11.30 25.41
N ASN A 46 15.68 10.12 25.16
CA ASN A 46 14.75 9.89 24.06
C ASN A 46 15.28 10.51 22.76
N THR A 47 16.46 10.06 22.39
CA THR A 47 17.02 10.39 21.09
C THR A 47 17.20 9.11 20.29
N PHE A 48 17.27 9.28 18.98
CA PHE A 48 17.46 8.20 18.04
C PHE A 48 18.56 8.58 17.06
N ARG A 49 19.29 7.57 16.60
CA ARG A 49 20.34 7.78 15.61
C ARG A 49 20.36 6.62 14.62
N VAL A 50 20.78 6.90 13.40
CA VAL A 50 21.07 5.89 12.40
C VAL A 50 22.55 5.53 12.49
N VAL A 51 22.85 4.25 12.67
CA VAL A 51 24.23 3.78 12.69
C VAL A 51 24.36 2.59 11.77
N GLY A 52 25.28 2.65 10.82
CA GLY A 52 25.48 1.57 9.87
C GLY A 52 26.94 1.18 9.80
N ARG A 53 27.18 -0.14 9.79
CA ARG A 53 28.51 -0.71 9.75
C ARG A 53 28.60 -1.68 8.59
N LYS A 54 29.72 -1.64 7.86
CA LYS A 54 29.90 -2.58 6.76
C LYS A 54 29.76 -4.02 7.26
N ILE A 55 29.08 -4.85 6.47
CA ILE A 55 28.89 -6.25 6.84
C ILE A 55 30.21 -7.00 6.87
N GLN A 56 31.09 -6.75 5.90
CA GLN A 56 32.30 -7.55 5.79
C GLN A 56 33.37 -7.10 6.78
N ASP A 57 33.62 -5.79 6.92
CA ASP A 57 34.73 -5.33 7.75
C ASP A 57 34.29 -4.52 8.97
N HIS A 58 33.00 -4.27 9.16
CA HIS A 58 32.44 -3.69 10.38
C HIS A 58 32.74 -2.20 10.56
N GLN A 59 33.33 -1.53 9.57
CA GLN A 59 33.57 -0.11 9.65
C GLN A 59 32.26 0.68 9.75
N VAL A 60 32.22 1.66 10.65
CA VAL A 60 31.08 2.57 10.72
C VAL A 60 31.13 3.51 9.52
N VAL A 61 30.06 3.51 8.73
CA VAL A 61 29.98 4.38 7.55
C VAL A 61 28.89 5.43 7.66
N ILE A 62 28.01 5.34 8.65
CA ILE A 62 27.02 6.37 8.91
C ILE A 62 26.71 6.38 10.40
N ASN A 63 26.62 7.58 10.96
CA ASN A 63 26.28 7.81 12.36
C ASN A 63 25.62 9.19 12.37
N CYS A 64 24.31 9.22 12.30
N CYS A 64 24.29 9.21 12.29
CA CYS A 64 23.66 10.52 12.19
CA CYS A 64 23.50 10.41 12.04
C CYS A 64 22.36 10.56 12.98
C CYS A 64 22.38 10.52 13.07
N ALA A 65 22.12 11.73 13.55
CA ALA A 65 20.99 11.94 14.43
C ALA A 65 19.70 11.85 13.62
N ILE A 66 18.63 11.50 14.32
CA ILE A 66 17.28 11.59 13.80
C ILE A 66 16.57 12.66 14.62
N PRO A 67 16.58 13.92 14.19
CA PRO A 67 15.88 14.96 14.93
C PRO A 67 14.38 14.89 14.70
N LYS A 68 13.63 15.42 15.66
CA LYS A 68 12.19 15.57 15.47
C LYS A 68 11.92 16.30 14.17
N GLY A 69 10.99 15.79 13.39
CA GLY A 69 10.62 16.44 12.14
C GLY A 69 11.43 16.03 10.92
N LEU A 70 12.39 15.10 11.06
CA LEU A 70 13.17 14.66 9.90
C LEU A 70 12.21 14.18 8.81
N LYS A 71 12.46 14.62 7.58
CA LYS A 71 11.64 14.26 6.43
C LYS A 71 12.31 13.10 5.71
N TYR A 72 11.69 11.94 5.80
CA TYR A 72 12.26 10.70 5.28
C TYR A 72 11.57 10.34 3.97
N ASN A 73 12.33 10.38 2.87
CA ASN A 73 11.78 10.22 1.53
C ASN A 73 11.99 8.78 1.06
N GLN A 74 10.88 8.10 0.78
CA GLN A 74 10.90 6.76 0.20
C GLN A 74 10.74 6.97 -1.31
N ALA A 75 11.89 7.16 -1.97
CA ALA A 75 11.87 7.44 -3.40
C ALA A 75 11.41 6.24 -4.21
N THR A 76 11.88 5.05 -3.87
CA THR A 76 11.47 3.80 -4.50
C THR A 76 11.33 2.76 -3.40
N GLN A 77 10.90 1.57 -3.80
CA GLN A 77 10.73 0.50 -2.82
C GLN A 77 12.04 0.07 -2.20
N THR A 78 13.19 0.37 -2.82
CA THR A 78 14.47 0.00 -2.22
C THR A 78 15.45 1.16 -2.08
N PHE A 79 15.01 2.41 -2.24
CA PHE A 79 15.91 3.52 -2.02
C PHE A 79 15.19 4.57 -1.21
N HIS A 80 15.68 4.82 0.00
CA HIS A 80 15.15 5.87 0.86
C HIS A 80 16.28 6.85 1.20
N GLN A 81 15.89 8.09 1.49
CA GLN A 81 16.89 9.14 1.67
C GLN A 81 16.36 10.23 2.58
N TRP A 82 17.29 11.03 3.12
CA TRP A 82 16.95 12.16 3.97
C TRP A 82 18.09 13.16 3.94
N ARG A 83 17.79 14.38 4.36
N ARG A 83 17.79 14.38 4.36
CA ARG A 83 18.70 15.50 4.25
CA ARG A 83 18.71 15.49 4.25
C ARG A 83 19.38 15.78 5.58
C ARG A 83 19.39 15.76 5.58
N ASP A 84 20.63 16.23 5.49
CA ASP A 84 21.33 16.80 6.62
C ASP A 84 22.01 18.07 6.10
N ALA A 85 22.51 18.91 6.99
CA ALA A 85 23.14 20.15 6.55
C ALA A 85 24.33 19.88 5.65
N ARG A 86 25.07 18.81 5.92
CA ARG A 86 26.31 18.51 5.23
C ARG A 86 26.07 17.75 3.93
N GLN A 87 25.03 16.92 3.87
CA GLN A 87 24.84 16.08 2.70
C GLN A 87 23.48 15.38 2.79
N VAL A 88 23.07 14.84 1.66
CA VAL A 88 21.93 13.93 1.60
C VAL A 88 22.44 12.52 1.78
N TYR A 89 21.76 11.78 2.65
CA TYR A 89 22.04 10.37 2.91
C TYR A 89 21.06 9.49 2.14
N GLY A 90 21.57 8.37 1.66
CA GLY A 90 20.73 7.39 0.98
C GLY A 90 21.01 5.98 1.45
N LEU A 91 19.95 5.18 1.50
CA LEU A 91 20.03 3.76 1.81
C LEU A 91 19.45 2.98 0.64
N ASN A 92 20.28 2.18 -0.03
CA ASN A 92 19.84 1.38 -1.17
C ASN A 92 19.74 -0.04 -0.63
N PHE A 93 18.53 -0.46 -0.30
CA PHE A 93 18.31 -1.68 0.46
C PHE A 93 18.50 -2.93 -0.39
N GLY A 94 18.96 -3.99 0.28
CA GLY A 94 19.13 -5.26 -0.40
C GLY A 94 17.83 -5.86 -0.87
N SER A 95 16.73 -5.55 -0.19
CA SER A 95 15.41 -6.09 -0.52
C SER A 95 14.34 -5.07 -0.12
N LYS A 96 13.15 -5.26 -0.69
CA LYS A 96 12.02 -4.42 -0.30
C LYS A 96 11.69 -4.62 1.16
N GLU A 97 11.87 -5.84 1.67
CA GLU A 97 11.52 -6.11 3.06
C GLU A 97 12.49 -5.45 4.02
N ASP A 98 13.78 -5.42 3.67
CA ASP A 98 14.75 -4.64 4.43
C ASP A 98 14.34 -3.18 4.47
N ALA A 99 13.94 -2.62 3.33
CA ALA A 99 13.53 -1.22 3.30
C ALA A 99 12.32 -1.00 4.20
N ASN A 100 11.35 -1.91 4.17
CA ASN A 100 10.13 -1.73 4.93
C ASN A 100 10.39 -1.80 6.44
N VAL A 101 11.27 -2.69 6.88
CA VAL A 101 11.51 -2.82 8.31
C VAL A 101 12.22 -1.58 8.82
N PHE A 102 13.17 -1.05 8.04
CA PHE A 102 13.87 0.16 8.43
C PHE A 102 12.93 1.36 8.44
N ALA A 103 12.13 1.52 7.38
CA ALA A 103 11.20 2.65 7.31
C ALA A 103 10.19 2.60 8.44
N SER A 104 9.74 1.39 8.82
N SER A 104 9.72 1.39 8.80
CA SER A 104 8.79 1.30 9.92
CA SER A 104 8.79 1.27 9.92
C SER A 104 9.43 1.77 11.22
C SER A 104 9.43 1.79 11.20
N ALA A 105 10.69 1.41 11.46
CA ALA A 105 11.40 1.87 12.65
C ALA A 105 11.63 3.36 12.60
N MET A 106 11.96 3.90 11.42
CA MET A 106 12.12 5.34 11.27
C MET A 106 10.80 6.06 11.58
N MET A 107 9.69 5.58 11.03
N MET A 107 9.70 5.59 10.98
CA MET A 107 8.44 6.29 11.25
CA MET A 107 8.39 6.17 11.24
C MET A 107 7.96 6.15 12.70
C MET A 107 8.11 6.21 12.73
N HIS A 108 8.38 5.09 13.41
CA HIS A 108 8.15 5.00 14.84
C HIS A 108 8.96 6.04 15.60
N ALA A 109 10.25 6.15 15.28
CA ALA A 109 11.09 7.16 15.92
C ALA A 109 10.50 8.55 15.71
N LEU A 110 10.09 8.85 14.48
CA LEU A 110 9.54 10.17 14.16
C LEU A 110 8.22 10.42 14.87
N GLU A 111 7.45 9.38 15.15
CA GLU A 111 6.16 9.60 15.83
C GLU A 111 6.38 9.91 17.30
N VAL A 112 7.42 9.34 17.90
CA VAL A 112 7.63 9.50 19.34
C VAL A 112 8.54 10.66 19.72
N LEU A 113 9.32 11.21 18.79
CA LEU A 113 10.17 12.36 19.08
C LEU A 113 9.34 13.60 19.38
N GLU B 5 -13.15 21.19 -2.21
CA GLU B 5 -12.24 20.24 -1.59
C GLU B 5 -11.70 19.28 -2.64
N GLN B 6 -10.43 18.91 -2.48
CA GLN B 6 -9.71 18.17 -3.51
C GLN B 6 -8.97 17.01 -2.86
N SER B 7 -9.03 15.86 -3.51
CA SER B 7 -8.37 14.67 -2.99
C SER B 7 -6.87 14.74 -3.23
N ILE B 8 -6.09 14.45 -2.19
CA ILE B 8 -4.63 14.38 -2.30
C ILE B 8 -4.08 12.96 -2.27
N CYS B 9 -4.92 11.95 -2.01
CA CYS B 9 -4.45 10.57 -2.06
C CYS B 9 -5.66 9.66 -2.12
N GLN B 10 -5.39 8.41 -2.47
CA GLN B 10 -6.41 7.37 -2.49
C GLN B 10 -5.78 6.05 -2.09
N ALA B 11 -6.40 5.36 -1.15
CA ALA B 11 -5.91 4.07 -0.68
C ALA B 11 -7.06 3.11 -0.46
N ARG B 12 -6.83 1.84 -0.74
CA ARG B 12 -7.83 0.81 -0.47
C ARG B 12 -7.58 0.24 0.93
N ALA B 13 -8.61 0.30 1.78
CA ALA B 13 -8.47 -0.13 3.16
C ALA B 13 -9.83 -0.50 3.73
N ALA B 14 -9.81 -1.47 4.66
CA ALA B 14 -10.98 -1.73 5.49
C ALA B 14 -10.97 -0.75 6.65
N VAL B 15 -12.00 0.08 6.69
CA VAL B 15 -12.10 1.13 7.70
C VAL B 15 -12.78 0.54 8.90
N MET B 16 -12.23 0.80 10.08
CA MET B 16 -12.76 0.24 11.30
C MET B 16 -12.73 1.28 12.42
N VAL B 17 -13.55 1.05 13.44
CA VAL B 17 -13.51 1.82 14.68
C VAL B 17 -13.43 0.82 15.82
N TYR B 18 -12.81 1.21 16.92
CA TYR B 18 -12.71 0.32 18.05
C TYR B 18 -13.95 0.46 18.90
N ASP B 19 -14.61 -0.65 19.17
CA ASP B 19 -15.82 -0.70 20.00
C ASP B 19 -15.34 -0.86 21.43
N ASP B 20 -15.37 0.24 22.18
CA ASP B 20 -14.84 0.20 23.54
C ASP B 20 -15.69 -0.68 24.45
N ALA B 21 -17.01 -0.65 24.29
CA ALA B 21 -17.86 -1.42 25.18
C ALA B 21 -17.60 -2.91 25.05
N ASN B 22 -17.38 -3.39 23.82
CA ASN B 22 -17.17 -4.80 23.55
C ASN B 22 -15.70 -5.15 23.35
N LYS B 23 -14.81 -4.17 23.50
CA LYS B 23 -13.35 -4.38 23.43
C LYS B 23 -12.95 -5.15 22.17
N LYS B 24 -13.35 -4.62 21.03
CA LYS B 24 -12.99 -5.23 19.75
C LYS B 24 -13.12 -4.20 18.65
N TRP B 25 -12.31 -4.39 17.60
CA TRP B 25 -12.46 -3.63 16.37
C TRP B 25 -13.72 -4.08 15.64
N VAL B 26 -14.42 -3.13 15.04
CA VAL B 26 -15.62 -3.40 14.25
C VAL B 26 -15.56 -2.59 12.97
N PRO B 27 -16.25 -3.05 11.92
CA PRO B 27 -16.23 -2.28 10.67
C PRO B 27 -16.92 -0.93 10.84
N ALA B 28 -16.29 0.09 10.26
CA ALA B 28 -16.87 1.42 10.32
C ALA B 28 -18.19 1.43 9.56
N GLY B 29 -19.18 2.08 10.16
CA GLY B 29 -20.50 2.11 9.56
C GLY B 29 -21.21 0.78 9.56
N GLY B 30 -20.69 -0.20 10.31
CA GLY B 30 -21.23 -1.54 10.35
C GLY B 30 -21.07 -2.32 9.07
N SER B 31 -20.26 -1.83 8.14
CA SER B 31 -20.25 -2.32 6.76
C SER B 31 -18.89 -2.96 6.46
N THR B 32 -18.84 -4.28 6.53
N THR B 32 -18.82 -4.29 6.55
CA THR B 32 -17.59 -5.00 6.28
CA THR B 32 -17.54 -4.93 6.32
C THR B 32 -17.16 -4.82 4.82
C THR B 32 -17.15 -4.85 4.84
N GLY B 33 -15.85 -4.87 4.60
CA GLY B 33 -15.28 -4.79 3.28
C GLY B 33 -14.38 -3.58 3.13
N PHE B 34 -13.83 -3.45 1.93
CA PHE B 34 -12.88 -2.39 1.62
C PHE B 34 -13.58 -1.12 1.19
N SER B 35 -12.95 0.00 1.51
CA SER B 35 -13.33 1.33 1.06
C SER B 35 -12.18 1.92 0.26
N ARG B 36 -12.52 2.94 -0.54
CA ARG B 36 -11.54 3.85 -1.12
C ARG B 36 -11.46 5.04 -0.18
N VAL B 37 -10.29 5.28 0.39
CA VAL B 37 -10.11 6.26 1.45
C VAL B 37 -9.22 7.39 0.94
N HIS B 38 -9.72 8.61 1.04
CA HIS B 38 -9.01 9.78 0.61
C HIS B 38 -8.71 10.66 1.82
N ILE B 39 -7.70 11.52 1.66
CA ILE B 39 -7.61 12.75 2.42
C ILE B 39 -7.97 13.88 1.46
N TYR B 40 -8.93 14.70 1.85
CA TYR B 40 -9.37 15.84 1.07
C TYR B 40 -8.82 17.10 1.72
N HIS B 41 -8.27 17.97 0.90
CA HIS B 41 -7.76 19.26 1.31
C HIS B 41 -8.77 20.31 0.88
N HIS B 42 -9.28 21.08 1.85
CA HIS B 42 -10.17 22.21 1.58
C HIS B 42 -9.31 23.47 1.60
N THR B 43 -9.04 24.04 0.42
CA THR B 43 -8.12 25.17 0.36
C THR B 43 -8.71 26.41 1.00
N GLY B 44 -10.04 26.55 1.00
CA GLY B 44 -10.68 27.74 1.53
C GLY B 44 -10.24 28.06 2.95
N ASN B 45 -10.19 27.05 3.82
CA ASN B 45 -9.83 27.24 5.22
C ASN B 45 -8.61 26.42 5.61
N ASN B 46 -7.87 25.88 4.65
CA ASN B 46 -6.70 25.05 4.89
C ASN B 46 -6.97 23.99 5.95
N THR B 47 -7.98 23.18 5.69
CA THR B 47 -8.29 22.03 6.51
C THR B 47 -8.19 20.75 5.69
N PHE B 48 -8.05 19.64 6.41
CA PHE B 48 -7.97 18.32 5.81
C PHE B 48 -8.92 17.37 6.55
N ARG B 49 -9.48 16.41 5.81
CA ARG B 49 -10.35 15.41 6.38
C ARG B 49 -10.09 14.05 5.74
N VAL B 50 -10.33 13.00 6.51
CA VAL B 50 -10.32 11.64 5.99
C VAL B 50 -11.74 11.29 5.57
N VAL B 51 -11.91 10.87 4.31
CA VAL B 51 -13.22 10.45 3.82
C VAL B 51 -13.07 9.13 3.10
N GLY B 52 -13.84 8.14 3.49
CA GLY B 52 -13.78 6.83 2.87
C GLY B 52 -15.16 6.32 2.52
N ARG B 53 -15.28 5.75 1.32
CA ARG B 53 -16.52 5.19 0.80
C ARG B 53 -16.31 3.73 0.42
N LYS B 54 -17.27 2.88 0.76
CA LYS B 54 -17.15 1.47 0.42
C LYS B 54 -16.96 1.33 -1.09
N ILE B 55 -16.06 0.43 -1.48
CA ILE B 55 -15.80 0.21 -2.91
C ILE B 55 -17.04 -0.33 -3.59
N GLN B 56 -17.74 -1.25 -2.94
CA GLN B 56 -18.84 -1.93 -3.62
C GLN B 56 -20.10 -1.07 -3.70
N ASP B 57 -20.57 -0.50 -2.58
CA ASP B 57 -21.83 0.24 -2.60
C ASP B 57 -21.69 1.74 -2.34
N HIS B 58 -20.46 2.25 -2.22
CA HIS B 58 -20.14 3.68 -2.18
C HIS B 58 -20.63 4.41 -0.93
N GLN B 59 -21.10 3.68 0.08
CA GLN B 59 -21.52 4.31 1.33
C GLN B 59 -20.36 5.00 2.04
N VAL B 60 -20.58 6.21 2.52
CA VAL B 60 -19.57 6.89 3.33
C VAL B 60 -19.53 6.23 4.70
N VAL B 61 -18.36 5.74 5.09
CA VAL B 61 -18.17 5.08 6.38
C VAL B 61 -17.21 5.83 7.30
N ILE B 62 -16.48 6.80 6.80
CA ILE B 62 -15.64 7.64 7.64
C ILE B 62 -15.59 9.02 7.02
N ASN B 63 -15.72 10.04 7.86
CA ASN B 63 -15.63 11.44 7.44
C ASN B 63 -15.18 12.17 8.70
N CYS B 64 -13.87 12.24 8.90
N CYS B 64 -13.85 12.32 8.83
CA CYS B 64 -13.39 12.78 10.16
CA CYS B 64 -13.18 12.64 10.09
C CYS B 64 -12.30 13.82 9.95
C CYS B 64 -12.26 13.84 9.90
N ALA B 65 -12.32 14.81 10.83
CA ALA B 65 -11.35 15.88 10.81
C ALA B 65 -9.94 15.34 11.05
N ILE B 66 -8.96 16.08 10.54
CA ILE B 66 -7.55 15.86 10.85
C ILE B 66 -7.09 17.10 11.60
N PRO B 67 -7.10 17.08 12.92
CA PRO B 67 -6.71 18.27 13.67
C PRO B 67 -5.20 18.44 13.80
N LYS B 68 -4.78 19.69 13.93
CA LYS B 68 -3.39 19.97 14.21
C LYS B 68 -2.98 19.23 15.48
N GLY B 69 -1.82 18.58 15.43
CA GLY B 69 -1.29 17.85 16.56
C GLY B 69 -1.73 16.41 16.65
N LEU B 70 -2.55 15.94 15.72
CA LEU B 70 -2.97 14.54 15.73
C LEU B 70 -1.77 13.60 15.75
N LYS B 71 -1.85 12.58 16.59
CA LYS B 71 -0.85 11.53 16.65
C LYS B 71 -1.36 10.37 15.81
N TYR B 72 -0.71 10.13 14.68
CA TYR B 72 -1.09 9.10 13.72
C TYR B 72 -0.14 7.93 13.90
N ASN B 73 -0.68 6.77 14.29
CA ASN B 73 0.13 5.61 14.66
C ASN B 73 0.18 4.59 13.52
N GLN B 74 1.39 4.31 13.03
CA GLN B 74 1.55 3.26 12.03
C GLN B 74 1.90 1.98 12.80
N ALA B 75 0.84 1.36 13.33
CA ALA B 75 0.99 0.21 14.23
C ALA B 75 1.69 -0.95 13.54
N THR B 76 1.29 -1.24 12.30
CA THR B 76 1.92 -2.24 11.48
C THR B 76 2.04 -1.64 10.08
N GLN B 77 2.69 -2.37 9.19
CA GLN B 77 2.87 -1.90 7.82
C GLN B 77 1.56 -1.82 7.07
N THR B 78 0.51 -2.49 7.54
CA THR B 78 -0.81 -2.40 6.90
C THR B 78 -1.93 -1.99 7.85
N PHE B 79 -1.64 -1.53 9.06
CA PHE B 79 -2.69 -1.02 9.95
C PHE B 79 -2.24 0.28 10.59
N HIS B 80 -2.95 1.36 10.31
CA HIS B 80 -2.66 2.65 10.91
C HIS B 80 -3.91 3.14 11.64
N GLN B 81 -3.70 3.96 12.67
CA GLN B 81 -4.82 4.32 13.52
C GLN B 81 -4.58 5.67 14.19
N TRP B 82 -5.67 6.28 14.64
CA TRP B 82 -5.58 7.57 15.33
C TRP B 82 -6.84 7.73 16.18
N ARG B 83 -6.81 8.75 17.03
CA ARG B 83 -7.83 8.91 18.06
C ARG B 83 -8.52 10.26 17.92
N ASP B 84 -9.80 10.29 18.30
CA ASP B 84 -10.44 11.52 18.77
C ASP B 84 -10.99 11.28 20.17
N ALA B 85 -11.62 12.31 20.75
CA ALA B 85 -12.10 12.17 22.12
C ALA B 85 -13.14 11.07 22.28
N ARG B 86 -13.77 10.61 21.20
CA ARG B 86 -14.87 9.66 21.26
C ARG B 86 -14.46 8.24 20.89
N GLN B 87 -13.57 8.07 19.93
CA GLN B 87 -13.22 6.72 19.50
C GLN B 87 -11.87 6.70 18.80
N VAL B 88 -11.36 5.48 18.61
CA VAL B 88 -10.17 5.20 17.80
C VAL B 88 -10.61 4.73 16.41
N TYR B 89 -9.99 5.32 15.38
CA TYR B 89 -10.19 4.95 13.98
C TYR B 89 -9.03 4.10 13.50
N GLY B 90 -9.34 3.13 12.65
CA GLY B 90 -8.31 2.27 12.07
C GLY B 90 -8.53 2.09 10.59
N LEU B 91 -7.41 1.98 9.88
CA LEU B 91 -7.39 1.65 8.46
C LEU B 91 -6.54 0.40 8.29
N ASN B 92 -7.16 -0.70 7.83
CA ASN B 92 -6.45 -1.95 7.58
C ASN B 92 -6.29 -2.03 6.06
N PHE B 93 -5.10 -1.65 5.59
CA PHE B 93 -4.87 -1.43 4.17
C PHE B 93 -4.76 -2.74 3.41
N GLY B 94 -5.19 -2.69 2.14
CA GLY B 94 -5.09 -3.84 1.28
C GLY B 94 -3.66 -4.23 0.97
N SER B 95 -2.75 -3.25 0.96
CA SER B 95 -1.36 -3.49 0.63
C SER B 95 -0.49 -2.50 1.40
N LYS B 96 0.80 -2.83 1.50
CA LYS B 96 1.75 -1.91 2.11
C LYS B 96 1.88 -0.61 1.32
N GLU B 97 1.73 -0.67 0.00
CA GLU B 97 1.81 0.55 -0.81
C GLU B 97 0.63 1.45 -0.57
N ASP B 98 -0.57 0.88 -0.41
CA ASP B 98 -1.74 1.68 -0.04
C ASP B 98 -1.48 2.39 1.28
N ALA B 99 -0.91 1.68 2.24
CA ALA B 99 -0.64 2.28 3.53
C ALA B 99 0.38 3.39 3.41
N ASN B 100 1.43 3.17 2.63
N ASN B 100 1.43 3.16 2.62
CA ASN B 100 2.50 4.15 2.53
CA ASN B 100 2.51 4.13 2.49
C ASN B 100 2.01 5.44 1.87
C ASN B 100 1.99 5.43 1.88
N VAL B 101 1.19 5.33 0.82
CA VAL B 101 0.71 6.53 0.14
C VAL B 101 -0.21 7.32 1.06
N PHE B 102 -1.09 6.63 1.80
CA PHE B 102 -1.98 7.33 2.71
C PHE B 102 -1.20 7.99 3.83
N ALA B 103 -0.24 7.28 4.41
CA ALA B 103 0.53 7.83 5.52
C ALA B 103 1.33 9.06 5.09
N SER B 104 1.88 9.04 3.87
CA SER B 104 2.65 10.19 3.39
C SER B 104 1.76 11.42 3.32
N ALA B 105 0.57 11.25 2.76
CA ALA B 105 -0.40 12.34 2.67
C ALA B 105 -0.82 12.82 4.06
N MET B 106 -1.06 11.90 5.00
CA MET B 106 -1.44 12.29 6.36
C MET B 106 -0.32 13.08 7.02
N MET B 107 0.91 12.60 6.92
CA MET B 107 2.02 13.28 7.57
C MET B 107 2.22 14.67 6.95
N HIS B 108 2.00 14.81 5.64
CA HIS B 108 2.09 16.13 5.03
C HIS B 108 1.00 17.06 5.56
N ALA B 109 -0.24 16.57 5.65
CA ALA B 109 -1.32 17.40 6.18
C ALA B 109 -0.96 17.89 7.57
N LEU B 110 -0.44 17.00 8.40
CA LEU B 110 -0.11 17.36 9.78
C LEU B 110 1.03 18.37 9.83
N GLU B 111 1.92 18.37 8.84
CA GLU B 111 3.01 19.33 8.82
C GLU B 111 2.56 20.72 8.38
N VAL B 112 1.57 20.82 7.50
CA VAL B 112 1.15 22.14 7.02
C VAL B 112 0.07 22.77 7.89
N LEU B 113 -0.62 22.00 8.71
CA LEU B 113 -1.60 22.56 9.63
C LEU B 113 -0.92 23.41 10.69
N MET C 3 18.66 17.63 -11.39
CA MET C 3 17.72 17.88 -12.52
C MET C 3 16.38 18.37 -11.98
N SER C 4 15.76 19.32 -12.68
CA SER C 4 14.49 19.86 -12.28
C SER C 4 13.32 18.95 -12.62
N GLU C 5 13.59 17.72 -13.08
CA GLU C 5 12.56 16.74 -13.40
C GLU C 5 12.56 15.69 -12.29
N GLN C 6 11.47 15.65 -11.53
CA GLN C 6 11.34 14.75 -10.39
C GLN C 6 10.26 13.73 -10.69
N SER C 7 10.56 12.45 -10.51
CA SER C 7 9.54 11.42 -10.61
C SER C 7 8.74 11.44 -9.32
N ILE C 8 7.41 11.50 -9.42
CA ILE C 8 6.62 11.46 -8.20
C ILE C 8 5.99 10.10 -7.96
N CYS C 9 6.04 9.20 -8.94
CA CYS C 9 5.63 7.81 -8.74
C CYS C 9 6.09 7.01 -9.94
N GLN C 10 6.07 5.70 -9.78
CA GLN C 10 6.28 4.77 -10.87
C GLN C 10 5.39 3.56 -10.63
N ALA C 11 4.63 3.19 -11.64
CA ALA C 11 3.69 2.10 -11.53
C ALA C 11 3.83 1.22 -12.76
N ARG C 12 3.59 -0.07 -12.57
CA ARG C 12 3.66 -1.04 -13.64
C ARG C 12 2.28 -1.14 -14.26
N ALA C 13 2.20 -0.92 -15.58
CA ALA C 13 0.92 -0.97 -16.26
C ALA C 13 1.15 -1.26 -17.74
N ALA C 14 0.17 -1.91 -18.35
CA ALA C 14 0.09 -1.97 -19.80
C ALA C 14 -0.55 -0.67 -20.29
N VAL C 15 0.19 0.09 -21.08
CA VAL C 15 -0.26 1.37 -21.60
C VAL C 15 -0.98 1.11 -22.91
N MET C 16 -2.14 1.72 -23.06
CA MET C 16 -3.01 1.46 -24.20
C MET C 16 -3.57 2.77 -24.70
N VAL C 17 -3.99 2.75 -25.96
CA VAL C 17 -4.76 3.84 -26.54
C VAL C 17 -5.98 3.23 -27.19
N TYR C 18 -7.05 4.00 -27.24
CA TYR C 18 -8.28 3.51 -27.84
C TYR C 18 -8.23 3.77 -29.33
N ASP C 19 -8.40 2.71 -30.11
CA ASP C 19 -8.48 2.81 -31.57
C ASP C 19 -9.95 3.00 -31.90
N ASP C 20 -10.34 4.23 -32.21
CA ASP C 20 -11.73 4.53 -32.47
C ASP C 20 -12.23 3.77 -33.70
N ALA C 21 -11.40 3.66 -34.73
CA ALA C 21 -11.85 2.99 -35.96
C ALA C 21 -12.19 1.53 -35.71
N ASN C 22 -11.39 0.84 -34.91
CA ASN C 22 -11.62 -0.58 -34.71
C ASN C 22 -12.35 -0.86 -33.42
N LYS C 23 -12.78 0.20 -32.73
CA LYS C 23 -13.54 0.10 -31.48
C LYS C 23 -12.90 -0.86 -30.50
N LYS C 24 -11.60 -0.66 -30.26
CA LYS C 24 -10.90 -1.50 -29.31
C LYS C 24 -9.65 -0.79 -28.82
N TRP C 25 -9.25 -1.16 -27.62
CA TRP C 25 -7.97 -0.74 -27.08
C TRP C 25 -6.83 -1.48 -27.78
N VAL C 26 -5.72 -0.77 -27.99
CA VAL C 26 -4.52 -1.33 -28.62
C VAL C 26 -3.31 -0.87 -27.82
N PRO C 27 -2.20 -1.59 -27.93
CA PRO C 27 -1.02 -1.20 -27.15
C PRO C 27 -0.46 0.14 -27.59
N ALA C 28 -0.08 0.96 -26.61
CA ALA C 28 0.52 2.25 -26.95
C ALA C 28 1.84 2.02 -27.66
N GLY C 29 2.09 2.83 -28.69
CA GLY C 29 3.31 2.66 -29.45
C GLY C 29 3.39 1.38 -30.26
N GLY C 30 2.28 0.65 -30.38
CA GLY C 30 2.26 -0.63 -31.05
C GLY C 30 3.02 -1.74 -30.34
N SER C 31 3.41 -1.52 -29.09
CA SER C 31 4.39 -2.36 -28.41
C SER C 31 3.70 -3.06 -27.24
N THR C 32 3.32 -4.31 -27.47
CA THR C 32 2.63 -5.07 -26.45
C THR C 32 3.54 -5.32 -25.24
N GLY C 33 2.95 -5.33 -24.06
CA GLY C 33 3.69 -5.58 -22.83
C GLY C 33 3.54 -4.46 -21.82
N PHE C 34 4.22 -4.66 -20.69
CA PHE C 34 4.14 -3.75 -19.56
C PHE C 34 5.19 -2.65 -19.64
N SER C 35 4.82 -1.49 -19.08
CA SER C 35 5.69 -0.32 -18.94
C SER C 35 5.79 0.08 -17.47
N ARG C 36 6.87 0.81 -17.18
CA ARG C 36 7.02 1.55 -15.94
C ARG C 36 6.54 2.96 -16.24
N VAL C 37 5.45 3.37 -15.58
CA VAL C 37 4.78 4.63 -15.92
C VAL C 37 4.99 5.59 -14.76
N HIS C 38 5.56 6.73 -15.06
CA HIS C 38 5.85 7.77 -14.09
C HIS C 38 4.92 8.95 -14.32
N ILE C 39 4.73 9.72 -13.26
CA ILE C 39 4.40 11.14 -13.37
C ILE C 39 5.65 11.90 -13.00
N TYR C 40 6.08 12.81 -13.87
CA TYR C 40 7.25 13.64 -13.62
C TYR C 40 6.80 15.08 -13.43
N HIS C 41 7.40 15.77 -12.47
CA HIS C 41 7.18 17.19 -12.28
C HIS C 41 8.35 17.96 -12.86
N HIS C 42 8.04 19.04 -13.57
CA HIS C 42 9.06 19.93 -14.12
C HIS C 42 8.93 21.30 -13.44
N THR C 43 9.98 21.71 -12.74
CA THR C 43 9.88 22.98 -12.03
C THR C 43 9.93 24.18 -12.97
N GLY C 44 10.62 24.05 -14.11
CA GLY C 44 10.83 25.20 -14.97
C GLY C 44 9.53 25.91 -15.31
N ASN C 45 8.50 25.14 -15.63
CA ASN C 45 7.18 25.68 -15.95
C ASN C 45 6.08 25.10 -15.06
N ASN C 46 6.47 24.48 -13.95
CA ASN C 46 5.54 23.87 -12.98
C ASN C 46 4.46 23.05 -13.69
N THR C 47 4.93 22.08 -14.46
CA THR C 47 4.05 21.17 -15.16
C THR C 47 4.29 19.74 -14.68
N PHE C 48 3.33 18.89 -15.01
CA PHE C 48 3.43 17.47 -14.76
C PHE C 48 3.17 16.74 -16.07
N ARG C 49 3.84 15.60 -16.24
CA ARG C 49 3.68 14.76 -17.43
C ARG C 49 3.67 13.29 -17.05
N VAL C 50 2.93 12.51 -17.84
CA VAL C 50 2.94 11.05 -17.76
C VAL C 50 3.96 10.58 -18.78
N VAL C 51 4.94 9.79 -18.34
CA VAL C 51 5.94 9.20 -19.23
C VAL C 51 6.03 7.72 -18.87
N GLY C 52 5.83 6.86 -19.83
CA GLY C 52 5.91 5.42 -19.61
C GLY C 52 6.86 4.77 -20.59
N ARG C 53 7.70 3.89 -20.05
CA ARG C 53 8.71 3.21 -20.83
C ARG C 53 8.56 1.70 -20.68
N LYS C 54 8.65 0.98 -21.78
CA LYS C 54 8.54 -0.47 -21.73
C LYS C 54 9.54 -1.05 -20.74
N ILE C 55 9.09 -2.03 -19.96
CA ILE C 55 9.97 -2.64 -18.96
C ILE C 55 11.11 -3.38 -19.64
N GLN C 56 10.86 -4.01 -20.79
N GLN C 56 10.82 -4.06 -20.75
CA GLN C 56 11.86 -4.91 -21.32
CA GLN C 56 11.82 -4.91 -21.41
C GLN C 56 12.95 -4.19 -22.12
C GLN C 56 12.94 -4.07 -22.01
N ASP C 57 12.60 -3.18 -22.93
CA ASP C 57 13.58 -2.43 -23.71
C ASP C 57 13.61 -0.93 -23.44
N HIS C 58 12.80 -0.44 -22.50
CA HIS C 58 12.89 0.93 -22.01
C HIS C 58 12.45 1.97 -23.03
N GLN C 59 11.80 1.56 -24.12
CA GLN C 59 11.26 2.47 -25.12
C GLN C 59 10.10 3.29 -24.56
N VAL C 60 10.11 4.61 -24.85
CA VAL C 60 9.02 5.49 -24.45
C VAL C 60 7.80 5.19 -25.32
N VAL C 61 6.68 4.86 -24.67
CA VAL C 61 5.42 4.61 -25.37
C VAL C 61 4.32 5.60 -25.02
N ILE C 62 4.49 6.42 -23.99
CA ILE C 62 3.55 7.48 -23.67
C ILE C 62 4.34 8.64 -23.08
N ASN C 63 4.01 9.84 -23.52
CA ASN C 63 4.71 11.04 -23.04
C ASN C 63 3.73 12.20 -23.26
N CYS C 64 2.93 12.49 -22.24
CA CYS C 64 1.82 13.42 -22.44
C CYS C 64 1.67 14.36 -21.26
N ALA C 65 1.06 15.50 -21.56
CA ALA C 65 0.82 16.55 -20.57
C ALA C 65 -0.28 16.14 -19.61
N ILE C 66 -0.21 16.71 -18.41
CA ILE C 66 -1.32 16.66 -17.46
C ILE C 66 -1.79 18.09 -17.27
N PRO C 67 -2.75 18.57 -18.06
CA PRO C 67 -3.20 19.95 -17.88
C PRO C 67 -4.13 20.08 -16.68
N LYS C 68 -4.15 21.29 -16.12
CA LYS C 68 -5.11 21.61 -15.07
C LYS C 68 -6.50 21.25 -15.57
N GLY C 69 -7.28 20.59 -14.72
CA GLY C 69 -8.65 20.25 -15.05
C GLY C 69 -8.82 18.91 -15.73
N LEU C 70 -7.73 18.20 -15.98
CA LEU C 70 -7.83 16.88 -16.58
C LEU C 70 -8.79 16.01 -15.80
N LYS C 71 -9.67 15.31 -16.51
CA LYS C 71 -10.62 14.39 -15.90
C LYS C 71 -10.01 12.98 -15.99
N TYR C 72 -9.68 12.42 -14.83
CA TYR C 72 -9.03 11.12 -14.75
C TYR C 72 -10.09 10.11 -14.34
N ASN C 73 -10.43 9.21 -15.26
CA ASN C 73 -11.55 8.30 -15.06
C ASN C 73 -11.03 6.96 -14.57
N GLN C 74 -11.46 6.56 -13.38
CA GLN C 74 -11.09 5.24 -12.86
C GLN C 74 -12.22 4.28 -13.21
N ALA C 75 -12.15 3.76 -14.43
CA ALA C 75 -13.21 2.88 -14.93
C ALA C 75 -13.34 1.64 -14.05
N THR C 76 -12.23 1.04 -13.68
CA THR C 76 -12.19 -0.07 -12.73
C THR C 76 -11.02 0.16 -11.82
N GLN C 77 -10.87 -0.71 -10.82
CA GLN C 77 -9.77 -0.57 -9.88
C GLN C 77 -8.41 -0.77 -10.53
N THR C 78 -8.35 -1.39 -11.71
CA THR C 78 -7.07 -1.56 -12.38
C THR C 78 -7.07 -1.02 -13.81
N PHE C 79 -8.07 -0.25 -14.21
CA PHE C 79 -8.03 0.40 -15.52
C PHE C 79 -8.48 1.83 -15.35
N HIS C 80 -7.55 2.76 -15.58
CA HIS C 80 -7.80 4.19 -15.49
C HIS C 80 -7.47 4.81 -16.83
N GLN C 81 -8.16 5.90 -17.16
CA GLN C 81 -8.05 6.46 -18.49
C GLN C 81 -8.32 7.95 -18.45
N TRP C 82 -7.89 8.63 -19.52
CA TRP C 82 -8.13 10.05 -19.64
C TRP C 82 -8.07 10.43 -21.12
N ARG C 83 -8.69 11.57 -21.44
CA ARG C 83 -8.76 12.03 -22.80
C ARG C 83 -7.63 12.97 -23.15
N ASP C 84 -7.22 12.89 -24.41
CA ASP C 84 -6.32 13.84 -25.01
C ASP C 84 -6.95 14.22 -26.35
N ALA C 85 -6.47 15.31 -26.95
CA ALA C 85 -7.00 15.67 -28.27
C ALA C 85 -6.70 14.56 -29.28
N ARG C 86 -5.59 13.85 -29.10
CA ARG C 86 -5.11 12.88 -30.06
C ARG C 86 -5.68 11.48 -29.84
N GLN C 87 -6.08 11.15 -28.63
CA GLN C 87 -6.59 9.81 -28.37
C GLN C 87 -6.97 9.73 -26.89
N VAL C 88 -7.64 8.64 -26.55
CA VAL C 88 -7.88 8.29 -25.16
C VAL C 88 -6.75 7.37 -24.73
N TYR C 89 -6.13 7.71 -23.60
CA TYR C 89 -5.07 6.91 -23.01
C TYR C 89 -5.64 6.06 -21.90
N GLY C 90 -5.13 4.83 -21.80
CA GLY C 90 -5.50 3.94 -20.73
C GLY C 90 -4.29 3.27 -20.10
N LEU C 91 -4.41 3.05 -18.80
CA LEU C 91 -3.41 2.33 -18.02
C LEU C 91 -4.09 1.14 -17.38
N ASN C 92 -3.65 -0.05 -17.76
CA ASN C 92 -4.17 -1.30 -17.20
C ASN C 92 -3.12 -1.81 -16.23
N PHE C 93 -3.35 -1.56 -14.94
CA PHE C 93 -2.35 -1.81 -13.92
C PHE C 93 -2.26 -3.29 -13.59
N GLY C 94 -1.05 -3.74 -13.23
CA GLY C 94 -0.90 -5.11 -12.78
C GLY C 94 -1.56 -5.34 -11.44
N SER C 95 -1.60 -4.34 -10.58
CA SER C 95 -2.15 -4.51 -9.25
C SER C 95 -2.97 -3.29 -8.84
N LYS C 96 -3.89 -3.54 -7.90
CA LYS C 96 -4.68 -2.45 -7.33
C LYS C 96 -3.80 -1.45 -6.61
N GLU C 97 -2.75 -1.93 -5.95
CA GLU C 97 -1.89 -0.99 -5.24
C GLU C 97 -1.19 -0.05 -6.21
N ASP C 98 -0.66 -0.57 -7.33
CA ASP C 98 -0.08 0.28 -8.37
C ASP C 98 -1.09 1.32 -8.82
N ALA C 99 -2.33 0.90 -9.06
CA ALA C 99 -3.38 1.82 -9.51
C ALA C 99 -3.63 2.93 -8.48
N ASN C 100 -3.65 2.58 -7.20
CA ASN C 100 -3.92 3.59 -6.18
C ASN C 100 -2.73 4.53 -5.99
N VAL C 101 -1.51 4.03 -6.12
CA VAL C 101 -0.36 4.93 -6.06
C VAL C 101 -0.37 5.91 -7.22
N PHE C 102 -0.66 5.40 -8.43
CA PHE C 102 -0.69 6.28 -9.59
C PHE C 102 -1.84 7.26 -9.49
N ALA C 103 -3.03 6.77 -9.10
CA ALA C 103 -4.18 7.67 -8.96
C ALA C 103 -3.90 8.73 -7.90
N SER C 104 -3.24 8.34 -6.81
CA SER C 104 -2.89 9.33 -5.78
C SER C 104 -1.97 10.41 -6.34
N ALA C 105 -0.95 9.99 -7.12
CA ALA C 105 -0.05 10.97 -7.70
C ALA C 105 -0.77 11.86 -8.70
N MET C 106 -1.66 11.27 -9.51
CA MET C 106 -2.43 12.05 -10.47
C MET C 106 -3.35 13.05 -9.78
N MET C 107 -4.15 12.57 -8.83
N MET C 107 -4.14 12.60 -8.81
CA MET C 107 -5.07 13.45 -8.10
CA MET C 107 -5.06 13.54 -8.19
C MET C 107 -4.28 14.58 -7.44
C MET C 107 -4.33 14.58 -7.36
N HIS C 108 -3.17 14.24 -6.81
CA HIS C 108 -2.38 15.22 -6.10
C HIS C 108 -1.81 16.24 -7.07
N ALA C 109 -1.30 15.77 -8.22
CA ALA C 109 -0.80 16.70 -9.22
C ALA C 109 -1.89 17.67 -9.62
N LEU C 110 -3.09 17.15 -9.87
CA LEU C 110 -4.21 18.01 -10.27
C LEU C 110 -4.60 18.96 -9.15
N GLU C 111 -4.40 18.58 -7.89
CA GLU C 111 -4.71 19.45 -6.76
C GLU C 111 -3.66 20.54 -6.61
N VAL C 112 -2.42 20.27 -7.01
CA VAL C 112 -1.35 21.26 -6.85
C VAL C 112 -1.27 22.23 -8.03
N LEU C 113 -1.80 21.85 -9.19
CA LEU C 113 -1.82 22.73 -10.36
C LEU C 113 -2.78 23.91 -10.15
N SER D 4 -0.96 -35.27 9.83
CA SER D 4 -1.35 -35.88 8.57
C SER D 4 -1.93 -34.86 7.59
N GLU D 5 -1.96 -33.59 8.00
CA GLU D 5 -2.58 -32.53 7.21
C GLU D 5 -1.49 -31.66 6.59
N GLN D 6 -1.67 -31.33 5.31
CA GLN D 6 -0.67 -30.57 4.57
C GLN D 6 -1.31 -29.33 3.97
N SER D 7 -0.76 -28.17 4.30
CA SER D 7 -1.23 -26.92 3.70
C SER D 7 -0.81 -26.87 2.24
N ILE D 8 -1.75 -26.56 1.37
CA ILE D 8 -1.44 -26.39 -0.05
C ILE D 8 -1.46 -24.96 -0.50
N CYS D 9 -1.86 -24.03 0.36
CA CYS D 9 -1.79 -22.62 0.06
C CYS D 9 -2.02 -21.84 1.35
N GLN D 10 -1.68 -20.57 1.28
CA GLN D 10 -2.03 -19.59 2.28
C GLN D 10 -2.26 -18.32 1.49
N ALA D 11 -3.37 -17.68 1.77
CA ALA D 11 -3.72 -16.45 1.08
C ALA D 11 -4.24 -15.48 2.11
N ARG D 12 -3.94 -14.21 1.91
CA ARG D 12 -4.37 -13.19 2.84
C ARG D 12 -5.74 -12.68 2.43
N ALA D 13 -6.69 -12.76 3.36
CA ALA D 13 -8.06 -12.37 3.07
C ALA D 13 -8.80 -12.04 4.35
N ALA D 14 -9.76 -11.13 4.25
CA ALA D 14 -10.74 -10.95 5.32
C ALA D 14 -11.81 -12.00 5.11
N VAL D 15 -11.97 -12.88 6.11
CA VAL D 15 -12.92 -13.98 6.04
C VAL D 15 -14.26 -13.47 6.58
N MET D 16 -15.33 -13.79 5.87
CA MET D 16 -16.65 -13.27 6.22
C MET D 16 -17.69 -14.39 6.12
N VAL D 17 -18.80 -14.22 6.82
CA VAL D 17 -19.98 -15.04 6.63
C VAL D 17 -21.18 -14.12 6.43
N TYR D 18 -22.20 -14.60 5.75
CA TYR D 18 -23.37 -13.77 5.54
C TYR D 18 -24.24 -13.90 6.79
N ASP D 19 -24.56 -12.76 7.41
CA ASP D 19 -25.39 -12.67 8.61
C ASP D 19 -26.87 -12.52 8.27
N ASP D 20 -27.64 -13.58 8.51
CA ASP D 20 -29.08 -13.52 8.30
C ASP D 20 -29.78 -12.61 9.31
N ALA D 21 -29.23 -12.51 10.53
CA ALA D 21 -29.86 -11.66 11.54
C ALA D 21 -29.89 -10.20 11.10
N ASN D 22 -28.80 -9.71 10.51
CA ASN D 22 -28.71 -8.33 10.05
C ASN D 22 -28.70 -8.20 8.53
N LYS D 23 -28.82 -9.29 7.79
CA LYS D 23 -28.86 -9.28 6.32
C LYS D 23 -27.68 -8.49 5.74
N LYS D 24 -26.49 -8.92 6.15
CA LYS D 24 -25.26 -8.29 5.69
C LYS D 24 -24.10 -9.24 5.91
N TRP D 25 -23.02 -9.00 5.18
CA TRP D 25 -21.78 -9.71 5.48
C TRP D 25 -21.22 -9.23 6.81
N VAL D 26 -20.65 -10.16 7.58
CA VAL D 26 -20.00 -9.84 8.85
C VAL D 26 -18.68 -10.59 8.92
N PRO D 27 -17.76 -10.12 9.75
CA PRO D 27 -16.49 -10.83 9.91
C PRO D 27 -16.72 -12.21 10.51
N ALA D 28 -16.04 -13.20 9.95
CA ALA D 28 -16.14 -14.56 10.45
C ALA D 28 -15.59 -14.65 11.87
N GLY D 29 -16.30 -15.38 12.73
CA GLY D 29 -15.90 -15.48 14.11
C GLY D 29 -16.06 -14.20 14.90
N GLY D 30 -16.74 -13.21 14.34
CA GLY D 30 -16.87 -11.91 14.97
C GLY D 30 -15.59 -11.12 15.03
N SER D 31 -14.57 -11.54 14.29
CA SER D 31 -13.21 -11.04 14.48
C SER D 31 -12.79 -10.25 13.24
N THR D 32 -12.95 -8.94 13.29
CA THR D 32 -12.54 -8.07 12.21
C THR D 32 -11.04 -8.19 11.99
N GLY D 33 -10.62 -8.09 10.74
CA GLY D 33 -9.22 -8.15 10.36
C GLY D 33 -8.93 -9.26 9.37
N PHE D 34 -7.66 -9.31 8.95
CA PHE D 34 -7.23 -10.25 7.93
C PHE D 34 -6.77 -11.57 8.53
N SER D 35 -6.98 -12.63 7.77
CA SER D 35 -6.52 -13.97 8.08
C SER D 35 -5.60 -14.50 7.00
N ARG D 36 -4.88 -15.55 7.35
CA ARG D 36 -4.20 -16.39 6.36
C ARG D 36 -5.10 -17.59 6.17
N VAL D 37 -5.57 -17.79 4.95
CA VAL D 37 -6.56 -18.82 4.67
C VAL D 37 -5.87 -19.92 3.89
N HIS D 38 -5.93 -21.12 4.43
CA HIS D 38 -5.30 -22.29 3.86
C HIS D 38 -6.36 -23.24 3.32
N ILE D 39 -5.95 -24.08 2.39
CA ILE D 39 -6.58 -25.36 2.16
C ILE D 39 -5.62 -26.43 2.66
N TYR D 40 -6.12 -27.32 3.52
CA TYR D 40 -5.34 -28.43 4.04
C TYR D 40 -5.81 -29.72 3.39
N HIS D 41 -4.85 -30.53 2.98
CA HIS D 41 -5.10 -31.84 2.42
C HIS D 41 -4.80 -32.83 3.52
N HIS D 42 -5.80 -33.63 3.90
CA HIS D 42 -5.59 -34.71 4.86
C HIS D 42 -5.09 -35.91 4.06
N THR D 43 -3.80 -36.20 4.21
CA THR D 43 -3.20 -37.23 3.37
C THR D 43 -3.79 -38.60 3.68
N GLY D 44 -4.19 -38.83 4.93
CA GLY D 44 -4.73 -40.12 5.32
C GLY D 44 -5.96 -40.54 4.52
N ASN D 45 -6.91 -39.62 4.31
CA ASN D 45 -8.17 -39.97 3.66
C ASN D 45 -8.47 -39.17 2.39
N ASN D 46 -7.49 -38.47 1.84
CA ASN D 46 -7.68 -37.66 0.64
C ASN D 46 -8.94 -36.80 0.73
N THR D 47 -9.01 -36.01 1.79
CA THR D 47 -10.04 -35.00 1.97
C THR D 47 -9.35 -33.65 2.07
N PHE D 48 -10.11 -32.58 1.85
CA PHE D 48 -9.60 -31.22 1.89
C PHE D 48 -10.52 -30.36 2.75
N ARG D 49 -9.94 -29.37 3.42
CA ARG D 49 -10.68 -28.42 4.25
C ARG D 49 -10.09 -27.03 4.08
N VAL D 50 -10.94 -26.02 4.24
CA VAL D 50 -10.50 -24.62 4.34
C VAL D 50 -10.32 -24.30 5.81
N VAL D 51 -9.14 -23.80 6.18
CA VAL D 51 -8.85 -23.37 7.54
C VAL D 51 -8.21 -21.99 7.46
N GLY D 52 -8.79 -21.02 8.14
CA GLY D 52 -8.27 -19.66 8.13
C GLY D 52 -8.10 -19.15 9.54
N ARG D 53 -6.96 -18.50 9.78
CA ARG D 53 -6.59 -18.04 11.11
C ARG D 53 -6.20 -16.57 11.02
N LYS D 54 -6.65 -15.78 11.98
CA LYS D 54 -6.30 -14.36 12.01
C LYS D 54 -4.80 -14.17 12.02
N ILE D 55 -4.34 -13.20 11.23
CA ILE D 55 -2.92 -12.90 11.15
C ILE D 55 -2.40 -12.39 12.49
N GLN D 56 -3.18 -11.57 13.19
CA GLN D 56 -2.69 -10.96 14.43
C GLN D 56 -2.70 -11.93 15.61
N ASP D 57 -3.85 -12.58 15.89
CA ASP D 57 -3.95 -13.36 17.13
C ASP D 57 -4.14 -14.86 16.90
N HIS D 58 -4.08 -15.34 15.67
CA HIS D 58 -4.06 -16.76 15.35
C HIS D 58 -5.40 -17.48 15.54
N GLN D 59 -6.47 -16.76 15.88
CA GLN D 59 -7.74 -17.44 16.13
C GLN D 59 -8.27 -18.03 14.83
N VAL D 60 -8.74 -19.27 14.91
CA VAL D 60 -9.40 -19.92 13.77
C VAL D 60 -10.77 -19.27 13.57
N VAL D 61 -11.02 -18.75 12.37
CA VAL D 61 -12.29 -18.12 12.07
C VAL D 61 -13.07 -18.85 10.99
N ILE D 62 -12.45 -19.80 10.31
CA ILE D 62 -13.14 -20.66 9.36
C ILE D 62 -12.48 -22.02 9.39
N ASN D 63 -13.31 -23.07 9.43
CA ASN D 63 -12.83 -24.44 9.40
C ASN D 63 -13.98 -25.26 8.81
N CYS D 64 -13.90 -25.55 7.50
CA CYS D 64 -15.03 -26.19 6.83
C CYS D 64 -14.54 -27.20 5.80
N ALA D 65 -15.39 -28.18 5.52
CA ALA D 65 -15.11 -29.19 4.52
C ALA D 65 -15.11 -28.62 3.11
N ILE D 66 -14.40 -29.29 2.22
CA ILE D 66 -14.53 -29.07 0.79
C ILE D 66 -15.07 -30.36 0.21
N PRO D 67 -16.37 -30.51 0.08
CA PRO D 67 -16.92 -31.75 -0.48
C PRO D 67 -16.80 -31.75 -1.99
N LYS D 68 -16.76 -32.95 -2.55
CA LYS D 68 -16.83 -33.08 -3.99
C LYS D 68 -18.04 -32.32 -4.50
N GLY D 69 -17.84 -31.55 -5.56
CA GLY D 69 -18.93 -30.82 -6.16
C GLY D 69 -19.18 -29.45 -5.59
N LEU D 70 -18.42 -29.01 -4.59
CA LEU D 70 -18.61 -27.67 -4.06
C LEU D 70 -18.54 -26.66 -5.22
N LYS D 71 -19.50 -25.74 -5.21
CA LYS D 71 -19.58 -24.67 -6.20
C LYS D 71 -18.95 -23.41 -5.63
N TYR D 72 -17.83 -23.01 -6.22
CA TYR D 72 -17.01 -21.89 -5.76
C TYR D 72 -17.27 -20.70 -6.67
N ASN D 73 -17.88 -19.66 -6.11
CA ASN D 73 -18.35 -18.51 -6.87
C ASN D 73 -17.35 -17.37 -6.76
N GLN D 74 -16.86 -16.90 -7.89
CA GLN D 74 -15.97 -15.75 -7.94
C GLN D 74 -16.78 -14.50 -8.27
N ALA D 75 -17.35 -13.87 -7.25
CA ALA D 75 -18.20 -12.70 -7.47
C ALA D 75 -17.41 -11.56 -8.11
N THR D 76 -16.21 -11.31 -7.62
CA THR D 76 -15.28 -10.36 -8.22
C THR D 76 -13.88 -10.97 -8.15
N GLN D 77 -12.91 -10.26 -8.72
CA GLN D 77 -11.54 -10.75 -8.74
C GLN D 77 -10.92 -10.81 -7.36
N THR D 78 -11.50 -10.13 -6.37
CA THR D 78 -11.01 -10.20 -4.99
C THR D 78 -12.08 -10.60 -3.98
N PHE D 79 -13.23 -11.11 -4.41
CA PHE D 79 -14.22 -11.63 -3.48
C PHE D 79 -14.75 -12.94 -4.03
N HIS D 80 -14.46 -14.05 -3.35
CA HIS D 80 -14.95 -15.36 -3.74
C HIS D 80 -15.74 -15.94 -2.57
N GLN D 81 -16.68 -16.82 -2.86
CA GLN D 81 -17.62 -17.26 -1.84
C GLN D 81 -18.15 -18.64 -2.19
N TRP D 82 -18.71 -19.30 -1.18
CA TRP D 82 -19.32 -20.59 -1.41
C TRP D 82 -20.32 -20.86 -0.30
N ARG D 83 -21.19 -21.84 -0.56
CA ARG D 83 -22.23 -22.21 0.38
C ARG D 83 -21.92 -23.57 0.96
N ASP D 84 -22.31 -23.77 2.21
CA ASP D 84 -22.50 -25.11 2.73
C ASP D 84 -23.68 -25.09 3.68
N ALA D 85 -23.92 -26.24 4.30
CA ALA D 85 -25.08 -26.38 5.17
C ALA D 85 -25.11 -25.29 6.23
N ARG D 86 -23.94 -24.90 6.75
CA ARG D 86 -23.90 -24.06 7.94
C ARG D 86 -23.76 -22.57 7.65
N GLN D 87 -23.12 -22.17 6.55
CA GLN D 87 -22.91 -20.76 6.26
C GLN D 87 -22.79 -20.54 4.76
N VAL D 88 -22.92 -19.28 4.36
CA VAL D 88 -22.27 -18.80 3.15
C VAL D 88 -20.99 -18.11 3.61
N TYR D 89 -19.87 -18.58 3.08
CA TYR D 89 -18.55 -18.07 3.43
C TYR D 89 -18.06 -17.14 2.32
N GLY D 90 -17.35 -16.09 2.70
CA GLY D 90 -16.76 -15.18 1.73
C GLY D 90 -15.32 -14.89 2.11
N LEU D 91 -14.49 -14.75 1.10
CA LEU D 91 -13.10 -14.38 1.25
C LEU D 91 -12.86 -13.11 0.45
N ASN D 92 -12.52 -12.02 1.14
CA ASN D 92 -12.24 -10.73 0.51
C ASN D 92 -10.72 -10.58 0.52
N PHE D 93 -10.10 -10.88 -0.61
CA PHE D 93 -8.65 -10.99 -0.69
C PHE D 93 -8.01 -9.62 -0.75
N GLY D 94 -6.82 -9.53 -0.17
CA GLY D 94 -6.06 -8.28 -0.26
C GLY D 94 -5.60 -7.98 -1.69
N SER D 95 -5.32 -9.00 -2.48
CA SER D 95 -4.79 -8.78 -3.82
C SER D 95 -5.37 -9.81 -4.78
N LYS D 96 -5.32 -9.47 -6.07
CA LYS D 96 -5.78 -10.39 -7.09
C LYS D 96 -4.93 -11.66 -7.10
N GLU D 97 -3.63 -11.53 -6.87
N GLU D 97 -3.63 -11.54 -6.85
CA GLU D 97 -2.78 -12.71 -6.85
CA GLU D 97 -2.81 -12.75 -6.87
C GLU D 97 -3.17 -13.66 -5.72
C GLU D 97 -3.18 -13.68 -5.71
N ASP D 98 -3.49 -13.12 -4.53
CA ASP D 98 -3.98 -13.97 -3.44
C ASP D 98 -5.23 -14.74 -3.87
N ALA D 99 -6.17 -14.04 -4.52
CA ALA D 99 -7.41 -14.69 -4.96
C ALA D 99 -7.13 -15.81 -5.95
N ASN D 100 -6.22 -15.59 -6.89
CA ASN D 100 -5.92 -16.61 -7.89
C ASN D 100 -5.17 -17.79 -7.29
N VAL D 101 -4.28 -17.55 -6.31
CA VAL D 101 -3.62 -18.64 -5.60
C VAL D 101 -4.64 -19.48 -4.86
N PHE D 102 -5.55 -18.84 -4.14
CA PHE D 102 -6.57 -19.60 -3.41
C PHE D 102 -7.51 -20.30 -4.37
N ALA D 103 -7.99 -19.61 -5.40
CA ALA D 103 -8.91 -20.25 -6.34
C ALA D 103 -8.25 -21.44 -7.00
N SER D 104 -6.95 -21.34 -7.30
CA SER D 104 -6.23 -22.44 -7.92
C SER D 104 -6.14 -23.65 -6.98
N ALA D 105 -5.91 -23.40 -5.69
CA ALA D 105 -5.85 -24.50 -4.72
C ALA D 105 -7.22 -25.14 -4.55
N MET D 106 -8.28 -24.32 -4.55
CA MET D 106 -9.62 -24.86 -4.49
C MET D 106 -9.92 -25.74 -5.71
N MET D 107 -9.53 -25.28 -6.89
CA MET D 107 -9.75 -26.07 -8.09
C MET D 107 -9.00 -27.39 -8.05
N HIS D 108 -7.74 -27.34 -7.58
CA HIS D 108 -6.97 -28.56 -7.36
C HIS D 108 -7.72 -29.54 -6.46
N ALA D 109 -8.22 -29.06 -5.33
CA ALA D 109 -8.96 -29.94 -4.44
C ALA D 109 -10.15 -30.54 -5.16
N LEU D 110 -10.94 -29.70 -5.82
CA LEU D 110 -12.15 -30.17 -6.46
C LEU D 110 -11.87 -31.09 -7.64
N GLU D 111 -10.74 -30.94 -8.30
CA GLU D 111 -10.43 -31.78 -9.45
C GLU D 111 -9.94 -33.16 -9.04
N VAL D 112 -9.28 -33.27 -7.88
CA VAL D 112 -8.79 -34.57 -7.42
C VAL D 112 -9.82 -35.32 -6.58
N LEU D 113 -10.82 -34.63 -6.03
CA LEU D 113 -11.88 -35.27 -5.25
C LEU D 113 -12.77 -36.11 -6.16
#